data_6OWC
#
_entry.id   6OWC
#
_cell.length_a   83.460
_cell.length_b   83.460
_cell.length_c   151.980
_cell.angle_alpha   90.00
_cell.angle_beta   90.00
_cell.angle_gamma   90.00
#
_symmetry.space_group_name_H-M   'P 43 21 2'
#
loop_
_entity.id
_entity.type
_entity.pdbx_description
1 polymer 'Estrogen receptor'
2 non-polymer (2Z)-N,N-dimethyl-4-{[2-({5-[(1Z)-4,4,4-trifluoro-1-(3-fluoro-2H-indazol-5-yl)-2-phenylbut-1-en-1-yl]pyridin-2-yl}oxy)ethyl]amino}but-2-enamide
3 non-polymer 1,2-ETHANEDIOL
4 water water
#
_entity_poly.entity_id   1
_entity_poly.type   'polypeptide(L)'
_entity_poly.pdbx_seq_one_letter_code
;GIKRSKKNSLALSLTADQMVSALLDAEPPILYSEYDPTRPFSEASMMGLLTNLADRELVHMINWAKRVPGFVDLTLHDQV
HLLECAWLEILMIGLVWRSMEHPGKLLFAPNLLLDRNQGKSVEGMVEIFDMLLATSSRFRMMNLQGEEFVCLKSIILLNS
GVYTFLSSTLKSLEEKDHIHRVLDKITDTLIHLMAKAGLTLQQQHQRLAQLLLILSHIRHMSNKGMEHLYSMKCKNVVPL
SDLLLEMLDAHRLHAPTS
;
_entity_poly.pdbx_strand_id   A,B
#
loop_
_chem_comp.id
_chem_comp.type
_chem_comp.name
_chem_comp.formula
EDO non-polymer 1,2-ETHANEDIOL 'C2 H6 O2'
ND1 non-polymer (2Z)-N,N-dimethyl-4-{[2-({5-[(1Z)-4,4,4-trifluoro-1-(3-fluoro-2H-indazol-5-yl)-2-phenylbut-1-en-1-yl]pyridin-2-yl}oxy)ethyl]amino}but-2-enamide 'C30 H29 F4 N5 O2'
#
# COMPACT_ATOMS: atom_id res chain seq x y z
N SER A 9 -27.40 2.61 2.04
CA SER A 9 -28.56 1.68 1.80
C SER A 9 -29.09 1.74 0.37
N LEU A 10 -29.33 2.92 -0.23
CA LEU A 10 -29.26 2.98 -1.72
C LEU A 10 -27.85 2.50 -2.18
N ALA A 11 -26.77 3.00 -1.58
CA ALA A 11 -25.42 2.56 -2.00
C ALA A 11 -25.18 1.08 -1.86
N LEU A 12 -25.63 0.50 -0.76
CA LEU A 12 -25.43 -0.91 -0.56
C LEU A 12 -26.30 -1.82 -1.46
N SER A 13 -27.29 -1.25 -2.14
CA SER A 13 -28.15 -2.04 -3.04
C SER A 13 -27.67 -2.05 -4.45
N LEU A 14 -26.68 -1.21 -4.79
CA LEU A 14 -26.31 -1.07 -6.14
C LEU A 14 -25.79 -2.35 -6.73
N THR A 15 -26.23 -2.65 -7.95
CA THR A 15 -25.64 -3.74 -8.72
C THR A 15 -24.20 -3.30 -9.16
N ALA A 16 -23.44 -4.24 -9.72
CA ALA A 16 -22.12 -3.92 -10.28
C ALA A 16 -22.20 -2.90 -11.39
N ASP A 17 -23.20 -3.07 -12.28
CA ASP A 17 -23.33 -2.17 -13.36
C ASP A 17 -23.76 -0.79 -12.85
N GLN A 18 -24.55 -0.76 -11.82
CA GLN A 18 -24.98 0.54 -11.27
C GLN A 18 -23.83 1.25 -10.58
N MET A 19 -23.02 0.46 -9.87
CA MET A 19 -21.81 1.05 -9.24
C MET A 19 -20.94 1.71 -10.29
N VAL A 20 -20.65 0.98 -11.39
CA VAL A 20 -19.84 1.54 -12.47
C VAL A 20 -20.40 2.81 -12.96
N SER A 21 -21.72 2.79 -13.23
CA SER A 21 -22.43 3.97 -13.70
CA SER A 21 -22.42 3.98 -13.70
C SER A 21 -22.29 5.18 -12.78
N ALA A 22 -22.48 4.96 -11.50
CA ALA A 22 -22.37 6.04 -10.50
C ALA A 22 -20.98 6.59 -10.42
N LEU A 23 -20.00 5.71 -10.45
CA LEU A 23 -18.61 6.18 -10.35
C LEU A 23 -18.19 6.92 -11.60
N LEU A 24 -18.56 6.41 -12.77
CA LEU A 24 -18.26 7.14 -14.00
C LEU A 24 -18.93 8.53 -14.05
N ASP A 25 -20.18 8.59 -13.59
CA ASP A 25 -20.92 9.86 -13.48
C ASP A 25 -20.28 10.85 -12.49
N ALA A 26 -19.67 10.33 -11.41
CA ALA A 26 -19.03 11.16 -10.42
C ALA A 26 -17.72 11.83 -10.88
N GLU A 27 -17.13 11.37 -11.98
CA GLU A 27 -15.75 11.79 -12.41
C GLU A 27 -15.63 13.31 -12.45
N PRO A 28 -14.52 13.83 -12.00
CA PRO A 28 -14.33 15.29 -12.05
C PRO A 28 -13.96 15.77 -13.46
N PRO A 29 -14.06 17.08 -13.69
CA PRO A 29 -13.54 17.68 -14.90
C PRO A 29 -11.98 17.61 -14.98
N ILE A 30 -11.46 17.57 -16.18
CA ILE A 30 -10.01 17.57 -16.41
C ILE A 30 -9.59 19.04 -16.36
N LEU A 31 -8.67 19.41 -15.48
CA LEU A 31 -8.24 20.81 -15.36
C LEU A 31 -7.02 21.17 -16.21
N TYR A 32 -6.94 22.46 -16.57
CA TYR A 32 -5.82 23.03 -17.26
C TYR A 32 -4.96 23.76 -16.25
N SER A 33 -3.65 23.71 -16.44
CA SER A 33 -2.67 24.45 -15.67
C SER A 33 -2.71 25.92 -16.13
N GLU A 34 -2.17 26.80 -15.30
CA GLU A 34 -1.86 28.19 -15.78
C GLU A 34 -0.53 28.34 -16.58
N TYR A 35 0.12 27.23 -16.95
CA TYR A 35 1.34 27.23 -17.71
C TYR A 35 1.22 28.24 -18.89
N ASP A 36 2.22 29.12 -19.03
CA ASP A 36 2.36 30.11 -20.15
C ASP A 36 3.60 29.73 -20.99
N PRO A 37 3.41 29.33 -22.26
CA PRO A 37 4.60 28.92 -23.08
C PRO A 37 5.55 30.03 -23.60
N PRO A 40 9.78 30.05 -19.61
CA PRO A 40 10.70 28.98 -19.23
C PRO A 40 10.47 28.50 -17.77
N PHE A 41 10.66 27.21 -17.51
CA PHE A 41 10.43 26.63 -16.17
C PHE A 41 11.59 26.82 -15.19
N SER A 42 11.33 27.50 -14.09
CA SER A 42 12.22 27.51 -12.94
C SER A 42 11.72 26.48 -11.95
N GLU A 43 12.51 26.32 -10.90
CA GLU A 43 12.16 25.42 -9.80
C GLU A 43 10.92 26.06 -9.12
N ALA A 44 10.97 27.39 -8.93
CA ALA A 44 9.90 28.16 -8.29
C ALA A 44 8.63 28.27 -9.17
N SER A 45 8.77 28.52 -10.47
CA SER A 45 7.57 28.58 -11.31
C SER A 45 6.93 27.17 -11.42
N MET A 46 7.74 26.12 -11.55
CA MET A 46 7.19 24.74 -11.62
C MET A 46 6.43 24.35 -10.37
N MET A 47 7.01 24.57 -9.21
CA MET A 47 6.32 24.30 -7.95
C MET A 47 5.05 25.13 -7.82
N GLY A 48 5.13 26.39 -8.22
CA GLY A 48 3.96 27.25 -8.32
C GLY A 48 2.85 26.71 -9.18
N LEU A 49 3.18 26.19 -10.34
CA LEU A 49 2.22 25.60 -11.28
C LEU A 49 1.59 24.35 -10.68
N LEU A 50 2.43 23.52 -10.07
CA LEU A 50 1.92 22.26 -9.49
C LEU A 50 1.05 22.50 -8.27
N THR A 51 1.45 23.44 -7.42
CA THR A 51 0.66 23.78 -6.23
C THR A 51 -0.72 24.36 -6.64
N ASN A 52 -0.74 25.31 -7.58
CA ASN A 52 -2.00 25.92 -8.00
CA ASN A 52 -2.01 25.90 -8.12
C ASN A 52 -2.94 24.81 -8.62
N LEU A 53 -2.39 23.88 -9.41
CA LEU A 53 -3.13 22.79 -9.98
C LEU A 53 -3.70 21.91 -8.87
N ALA A 54 -2.84 21.47 -7.95
CA ALA A 54 -3.26 20.59 -6.84
C ALA A 54 -4.42 21.24 -6.10
N ASP A 55 -4.25 22.54 -5.78
CA ASP A 55 -5.29 23.26 -5.01
C ASP A 55 -6.60 23.32 -5.75
N ARG A 56 -6.60 23.52 -7.07
CA ARG A 56 -7.84 23.50 -7.82
CA ARG A 56 -7.83 23.50 -7.83
C ARG A 56 -8.42 22.09 -7.97
N GLU A 57 -7.56 21.10 -8.19
CA GLU A 57 -8.00 19.68 -8.21
C GLU A 57 -8.75 19.25 -6.89
N LEU A 58 -8.22 19.72 -5.78
CA LEU A 58 -8.78 19.41 -4.45
C LEU A 58 -10.25 19.80 -4.30
N VAL A 59 -10.61 20.95 -4.89
CA VAL A 59 -12.00 21.42 -4.82
C VAL A 59 -12.88 20.47 -5.56
N HIS A 60 -12.45 20.10 -6.77
CA HIS A 60 -13.22 19.11 -7.53
C HIS A 60 -13.18 17.70 -6.91
N MET A 61 -12.10 17.37 -6.20
CA MET A 61 -12.00 16.03 -5.52
C MET A 61 -13.01 15.92 -4.41
N ILE A 62 -13.19 17.00 -3.68
CA ILE A 62 -14.22 17.03 -2.65
C ILE A 62 -15.61 16.80 -3.22
N ASN A 63 -15.95 17.50 -4.32
CA ASN A 63 -17.23 17.31 -4.98
C ASN A 63 -17.42 15.89 -5.48
N TRP A 64 -16.34 15.32 -6.01
CA TRP A 64 -16.35 13.92 -6.44
C TRP A 64 -16.65 12.95 -5.30
N ALA A 65 -15.97 13.10 -4.18
CA ALA A 65 -16.07 12.19 -3.05
C ALA A 65 -17.50 12.20 -2.55
N LYS A 66 -18.12 13.38 -2.57
CA LYS A 66 -19.58 13.45 -2.25
C LYS A 66 -20.54 12.61 -3.12
N ARG A 67 -20.09 12.30 -4.32
CA ARG A 67 -20.81 11.44 -5.24
C ARG A 67 -20.41 10.00 -5.25
N VAL A 68 -19.34 9.59 -4.52
CA VAL A 68 -19.02 8.18 -4.39
C VAL A 68 -20.03 7.44 -3.52
N PRO A 69 -20.62 6.34 -4.00
CA PRO A 69 -21.73 5.78 -3.22
C PRO A 69 -21.33 5.47 -1.79
N GLY A 70 -22.14 5.94 -0.84
CA GLY A 70 -21.85 5.67 0.57
C GLY A 70 -21.08 6.78 1.33
N PHE A 71 -20.34 7.66 0.62
CA PHE A 71 -19.49 8.56 1.31
C PHE A 71 -20.30 9.58 2.14
N VAL A 72 -21.39 10.10 1.59
CA VAL A 72 -22.16 11.09 2.39
C VAL A 72 -22.99 10.39 3.48
N ASP A 73 -23.00 9.07 3.57
CA ASP A 73 -23.56 8.37 4.75
C ASP A 73 -22.67 8.40 5.97
N LEU A 74 -21.39 8.77 5.79
CA LEU A 74 -20.37 8.67 6.82
C LEU A 74 -20.47 9.87 7.77
N THR A 75 -19.85 9.74 8.93
CA THR A 75 -19.70 10.87 9.83
C THR A 75 -18.83 11.97 9.22
N LEU A 76 -18.98 13.21 9.72
CA LEU A 76 -18.17 14.31 9.27
C LEU A 76 -16.73 14.02 9.44
N HIS A 77 -16.39 13.53 10.61
CA HIS A 77 -15.00 13.11 10.89
C HIS A 77 -14.47 12.19 9.83
N ASP A 78 -15.20 11.13 9.57
CA ASP A 78 -14.73 10.16 8.59
C ASP A 78 -14.59 10.78 7.20
N GLN A 79 -15.50 11.65 6.79
CA GLN A 79 -15.39 12.26 5.46
C GLN A 79 -14.15 13.12 5.37
N VAL A 80 -13.92 13.98 6.39
CA VAL A 80 -12.73 14.78 6.42
C VAL A 80 -11.44 13.95 6.53
N HIS A 81 -11.45 12.94 7.39
CA HIS A 81 -10.25 12.18 7.66
C HIS A 81 -9.85 11.39 6.40
N LEU A 82 -10.83 10.72 5.77
CA LEU A 82 -10.54 9.96 4.53
C LEU A 82 -9.91 10.84 3.44
N LEU A 83 -10.49 12.04 3.20
CA LEU A 83 -9.89 12.93 2.22
C LEU A 83 -8.51 13.49 2.64
N GLU A 84 -8.36 13.83 3.93
CA GLU A 84 -7.09 14.37 4.41
C GLU A 84 -5.97 13.32 4.24
N CYS A 85 -6.27 12.04 4.44
CA CYS A 85 -5.24 10.98 4.36
C CYS A 85 -4.99 10.59 2.93
N ALA A 86 -6.02 10.69 2.10
CA ALA A 86 -5.94 10.16 0.74
C ALA A 86 -5.67 11.08 -0.46
N TRP A 87 -5.70 12.39 -0.27
CA TRP A 87 -5.81 13.32 -1.37
C TRP A 87 -4.66 13.13 -2.35
N LEU A 88 -3.43 12.98 -1.83
CA LEU A 88 -2.30 12.86 -2.80
C LEU A 88 -2.33 11.51 -3.54
N GLU A 89 -2.70 10.44 -2.82
CA GLU A 89 -2.87 9.16 -3.52
C GLU A 89 -3.88 9.30 -4.62
N ILE A 90 -4.97 10.05 -4.34
CA ILE A 90 -6.03 10.21 -5.33
C ILE A 90 -5.57 11.03 -6.55
N LEU A 91 -4.84 12.14 -6.27
CA LEU A 91 -4.25 12.88 -7.34
C LEU A 91 -3.38 11.96 -8.20
N MET A 92 -2.54 11.17 -7.51
CA MET A 92 -1.55 10.34 -8.19
C MET A 92 -2.15 9.28 -9.05
N ILE A 93 -3.18 8.55 -8.56
CA ILE A 93 -3.80 7.53 -9.38
C ILE A 93 -4.39 8.15 -10.66
N GLY A 94 -5.06 9.32 -10.50
CA GLY A 94 -5.58 10.02 -11.64
C GLY A 94 -4.48 10.41 -12.64
N LEU A 95 -3.35 10.90 -12.14
CA LEU A 95 -2.19 11.24 -12.97
C LEU A 95 -1.67 10.06 -13.80
N VAL A 96 -1.46 8.93 -13.14
CA VAL A 96 -0.87 7.79 -13.83
C VAL A 96 -1.85 7.23 -14.78
N TRP A 97 -3.15 7.25 -14.46
CA TRP A 97 -4.18 6.87 -15.42
C TRP A 97 -4.11 7.75 -16.69
N ARG A 98 -4.12 9.07 -16.50
CA ARG A 98 -4.15 9.98 -17.66
C ARG A 98 -2.90 9.86 -18.48
N SER A 99 -1.81 9.47 -17.84
CA SER A 99 -0.52 9.34 -18.47
C SER A 99 -0.22 8.05 -19.20
N MET A 100 -1.14 7.10 -19.21
CA MET A 100 -0.89 5.76 -19.80
C MET A 100 -0.54 5.84 -21.28
N GLU A 101 -1.17 6.75 -22.01
CA GLU A 101 -0.86 6.86 -23.47
C GLU A 101 0.34 7.74 -23.76
N HIS A 102 1.09 8.16 -22.73
CA HIS A 102 2.25 9.05 -22.86
C HIS A 102 3.50 8.42 -22.16
N PRO A 103 4.04 7.33 -22.75
CA PRO A 103 5.23 6.69 -22.15
C PRO A 103 6.35 7.67 -21.84
N GLY A 104 6.89 7.60 -20.64
CA GLY A 104 7.96 8.48 -20.26
C GLY A 104 7.58 9.88 -19.90
N LYS A 105 6.28 10.18 -19.92
CA LYS A 105 5.86 11.49 -19.49
C LYS A 105 4.68 11.44 -18.49
N LEU A 106 4.47 12.56 -17.81
CA LEU A 106 3.32 12.71 -16.86
C LEU A 106 2.42 13.87 -17.32
N LEU A 107 1.17 13.52 -17.57
CA LEU A 107 0.13 14.46 -18.01
C LEU A 107 -0.55 15.09 -16.84
N PHE A 108 0.12 16.07 -16.24
CA PHE A 108 -0.49 16.81 -15.10
C PHE A 108 -1.75 17.51 -15.54
N ALA A 109 -1.65 18.09 -16.73
CA ALA A 109 -2.81 18.69 -17.42
C ALA A 109 -2.58 18.65 -18.91
N PRO A 110 -3.61 18.96 -19.71
CA PRO A 110 -3.35 18.87 -21.20
C PRO A 110 -2.30 19.81 -21.74
N ASN A 111 -2.15 20.92 -21.07
CA ASN A 111 -1.14 21.90 -21.39
C ASN A 111 0.04 21.83 -20.44
N LEU A 112 0.17 20.72 -19.67
CA LEU A 112 1.28 20.55 -18.75
C LEU A 112 1.72 19.09 -18.73
N LEU A 113 2.38 18.72 -19.82
CA LEU A 113 2.83 17.35 -20.07
C LEU A 113 4.31 17.36 -19.87
N LEU A 114 4.78 16.71 -18.80
CA LEU A 114 6.18 16.83 -18.33
C LEU A 114 7.02 15.55 -18.52
N ASP A 115 8.29 15.70 -18.92
CA ASP A 115 9.23 14.54 -19.05
C ASP A 115 10.14 14.58 -17.88
N ARG A 116 10.98 13.55 -17.68
CA ARG A 116 11.76 13.51 -16.43
C ARG A 116 12.74 14.71 -16.31
N ASN A 117 13.35 15.10 -17.44
CA ASN A 117 14.19 16.33 -17.51
C ASN A 117 13.50 17.50 -16.77
N GLN A 118 12.24 17.74 -17.10
CA GLN A 118 11.48 18.83 -16.47
C GLN A 118 11.18 18.50 -15.01
N GLY A 119 11.04 17.20 -14.73
CA GLY A 119 10.97 16.69 -13.34
C GLY A 119 12.08 17.10 -12.38
N LYS A 120 13.31 17.19 -12.89
CA LYS A 120 14.45 17.67 -12.13
C LYS A 120 14.38 19.16 -11.78
N SER A 121 13.45 19.89 -12.40
CA SER A 121 13.17 21.28 -11.98
C SER A 121 13.01 21.42 -10.47
N VAL A 122 12.29 20.49 -9.82
CA VAL A 122 11.78 20.68 -8.44
C VAL A 122 12.02 19.63 -7.36
N GLU A 123 12.11 20.13 -6.13
CA GLU A 123 12.57 19.38 -4.95
C GLU A 123 11.94 18.01 -4.64
N GLY A 124 12.69 16.96 -4.91
CA GLY A 124 12.25 15.63 -4.56
C GLY A 124 11.07 15.21 -5.35
N MET A 125 10.79 15.94 -6.40
CA MET A 125 9.95 15.43 -7.44
C MET A 125 10.64 14.43 -8.31
N VAL A 126 11.93 14.63 -8.59
CA VAL A 126 12.58 13.70 -9.51
C VAL A 126 12.47 12.17 -9.13
N GLU A 127 12.73 11.82 -7.87
CA GLU A 127 12.58 10.38 -7.39
C GLU A 127 11.12 9.85 -7.55
N ILE A 128 10.20 10.66 -7.11
CA ILE A 128 8.74 10.35 -7.22
C ILE A 128 8.32 10.20 -8.70
N PHE A 129 8.87 11.03 -9.57
CA PHE A 129 8.55 11.00 -10.97
C PHE A 129 8.74 9.65 -11.59
N ASP A 130 9.90 8.99 -11.35
CA ASP A 130 10.12 7.66 -11.99
C ASP A 130 9.18 6.60 -11.47
N MET A 131 8.82 6.68 -10.21
CA MET A 131 7.85 5.78 -9.62
C MET A 131 6.49 5.93 -10.24
N LEU A 132 6.08 7.19 -10.41
CA LEU A 132 4.82 7.45 -11.17
C LEU A 132 4.85 6.96 -12.60
N LEU A 133 5.94 7.26 -13.37
CA LEU A 133 6.09 6.66 -14.70
C LEU A 133 5.98 5.15 -14.76
N ALA A 134 6.59 4.46 -13.78
CA ALA A 134 6.54 2.98 -13.68
C ALA A 134 5.11 2.49 -13.44
N THR A 135 4.38 3.23 -12.60
CA THR A 135 3.01 2.79 -12.28
C THR A 135 2.15 3.01 -13.51
N SER A 136 2.37 4.12 -14.21
CA SER A 136 1.66 4.34 -15.45
C SER A 136 1.92 3.22 -16.47
N SER A 137 3.20 2.88 -16.58
CA SER A 137 3.65 1.79 -17.46
C SER A 137 3.05 0.45 -17.08
N ARG A 138 2.91 0.19 -15.76
CA ARG A 138 2.25 -1.03 -15.32
C ARG A 138 0.76 -1.07 -15.70
N PHE A 139 0.02 0.03 -15.46
CA PHE A 139 -1.31 0.14 -15.94
C PHE A 139 -1.45 -0.07 -17.41
N ARG A 140 -0.55 0.54 -18.19
CA ARG A 140 -0.59 0.34 -19.63
C ARG A 140 -0.42 -1.13 -20.01
N MET A 141 0.58 -1.78 -19.47
CA MET A 141 0.88 -3.21 -19.74
C MET A 141 -0.29 -4.12 -19.35
N MET A 142 -1.01 -3.76 -18.27
CA MET A 142 -2.18 -4.49 -17.84
C MET A 142 -3.43 -4.13 -18.61
N ASN A 143 -3.35 -3.15 -19.50
CA ASN A 143 -4.50 -2.66 -20.21
C ASN A 143 -5.67 -2.28 -19.24
N LEU A 144 -5.33 -1.46 -18.24
CA LEU A 144 -6.29 -1.04 -17.25
C LEU A 144 -7.43 -0.33 -17.99
N GLN A 145 -8.66 -0.68 -17.66
CA GLN A 145 -9.85 -0.06 -18.33
C GLN A 145 -10.39 1.06 -17.43
N GLY A 146 -11.07 2.05 -18.02
CA GLY A 146 -11.62 3.20 -17.24
C GLY A 146 -12.52 2.74 -16.10
N GLU A 147 -13.29 1.69 -16.34
CA GLU A 147 -14.24 1.18 -15.36
C GLU A 147 -13.47 0.62 -14.17
N GLU A 148 -12.31 0.01 -14.43
CA GLU A 148 -11.48 -0.50 -13.33
C GLU A 148 -10.81 0.66 -12.57
N PHE A 149 -10.34 1.65 -13.31
CA PHE A 149 -9.73 2.86 -12.76
C PHE A 149 -10.68 3.56 -11.78
N VAL A 150 -11.94 3.72 -12.10
CA VAL A 150 -12.77 4.47 -11.12
C VAL A 150 -13.05 3.65 -9.86
N CYS A 151 -13.17 2.31 -10.01
CA CYS A 151 -13.21 1.43 -8.83
C CYS A 151 -12.00 1.58 -7.93
N LEU A 152 -10.80 1.56 -8.53
CA LEU A 152 -9.54 1.66 -7.76
C LEU A 152 -9.43 3.01 -7.06
N LYS A 153 -9.87 4.09 -7.72
CA LYS A 153 -9.75 5.41 -7.10
C LYS A 153 -10.67 5.59 -5.92
N SER A 154 -11.86 5.02 -6.01
CA SER A 154 -12.80 5.01 -4.85
C SER A 154 -12.32 4.09 -3.74
N ILE A 155 -11.64 2.99 -4.10
CA ILE A 155 -11.03 2.15 -3.09
C ILE A 155 -10.00 2.92 -2.31
N ILE A 156 -9.16 3.70 -2.98
CA ILE A 156 -8.15 4.52 -2.26
C ILE A 156 -8.80 5.48 -1.26
N LEU A 157 -9.86 6.11 -1.72
CA LEU A 157 -10.59 7.05 -0.80
C LEU A 157 -11.07 6.33 0.43
N LEU A 158 -11.73 5.19 0.24
CA LEU A 158 -12.39 4.49 1.39
C LEU A 158 -11.38 3.73 2.23
N ASN A 159 -10.21 3.38 1.66
CA ASN A 159 -9.19 2.63 2.39
C ASN A 159 -8.12 3.48 3.06
N SER A 160 -7.93 4.74 2.76
CA SER A 160 -6.58 5.19 3.09
C SER A 160 -6.43 5.70 4.57
N GLY A 161 -7.56 5.76 5.22
CA GLY A 161 -7.64 6.27 6.52
C GLY A 161 -8.50 5.39 7.39
N VAL A 162 -8.96 4.23 6.85
CA VAL A 162 -9.98 3.40 7.54
C VAL A 162 -9.51 2.68 8.85
N TYR A 163 -8.18 2.59 9.10
CA TYR A 163 -7.63 2.06 10.38
C TYR A 163 -6.69 3.03 11.09
N THR A 164 -6.73 4.31 10.73
CA THR A 164 -5.67 5.24 11.08
C THR A 164 -6.23 6.40 11.93
N LEU A 173 -17.17 1.90 15.64
CA LEU A 173 -16.89 0.61 14.99
C LEU A 173 -17.92 0.27 13.92
N GLU A 174 -19.16 0.70 14.12
CA GLU A 174 -20.25 0.47 13.14
C GLU A 174 -20.13 1.39 11.91
N GLU A 175 -19.43 2.51 12.07
CA GLU A 175 -19.08 3.41 10.95
C GLU A 175 -18.01 2.79 10.00
N LYS A 176 -17.01 2.16 10.61
CA LYS A 176 -15.98 1.38 9.91
C LYS A 176 -16.62 0.21 9.22
N ASP A 177 -17.68 -0.35 9.79
CA ASP A 177 -18.41 -1.36 9.07
C ASP A 177 -19.02 -0.87 7.79
N HIS A 178 -19.67 0.31 7.77
CA HIS A 178 -20.28 0.78 6.54
C HIS A 178 -19.21 0.96 5.44
N ILE A 179 -18.09 1.48 5.86
CA ILE A 179 -16.96 1.75 4.94
C ILE A 179 -16.51 0.44 4.35
N HIS A 180 -16.35 -0.56 5.22
CA HIS A 180 -15.99 -1.91 4.74
C HIS A 180 -17.01 -2.55 3.84
N ARG A 181 -18.33 -2.33 4.12
CA ARG A 181 -19.31 -2.87 3.22
C ARG A 181 -19.28 -2.25 1.86
N VAL A 182 -19.04 -0.95 1.81
CA VAL A 182 -18.96 -0.31 0.48
C VAL A 182 -17.73 -0.79 -0.28
N LEU A 183 -16.62 -0.87 0.41
CA LEU A 183 -15.37 -1.43 -0.20
C LEU A 183 -15.64 -2.84 -0.75
N ASP A 184 -16.33 -3.72 -0.02
CA ASP A 184 -16.72 -5.01 -0.60
C ASP A 184 -17.55 -4.95 -1.87
N LYS A 185 -18.51 -3.99 -1.92
CA LYS A 185 -19.23 -3.78 -3.14
C LYS A 185 -18.36 -3.43 -4.33
N ILE A 186 -17.36 -2.62 -4.09
CA ILE A 186 -16.46 -2.26 -5.18
C ILE A 186 -15.61 -3.46 -5.59
N THR A 187 -15.19 -4.30 -4.67
CA THR A 187 -14.50 -5.53 -5.05
C THR A 187 -15.41 -6.36 -5.92
N ASP A 188 -16.70 -6.50 -5.52
CA ASP A 188 -17.64 -7.23 -6.37
C ASP A 188 -17.76 -6.65 -7.79
N THR A 189 -17.71 -5.34 -7.91
CA THR A 189 -17.81 -4.60 -9.16
C THR A 189 -16.59 -4.90 -10.04
N LEU A 190 -15.40 -4.85 -9.43
CA LEU A 190 -14.18 -5.21 -10.18
C LEU A 190 -14.23 -6.61 -10.77
N ILE A 191 -14.60 -7.58 -9.95
CA ILE A 191 -14.73 -8.98 -10.37
C ILE A 191 -15.75 -9.13 -11.50
N HIS A 192 -16.89 -8.45 -11.34
CA HIS A 192 -17.90 -8.44 -12.40
C HIS A 192 -17.36 -7.93 -13.71
N LEU A 193 -16.65 -6.81 -13.69
CA LEU A 193 -16.04 -6.25 -14.90
C LEU A 193 -15.07 -7.24 -15.60
N MET A 194 -14.26 -7.90 -14.77
CA MET A 194 -13.28 -8.86 -15.26
C MET A 194 -13.98 -10.09 -15.88
N ALA A 195 -15.00 -10.61 -15.19
CA ALA A 195 -15.78 -11.75 -15.70
C ALA A 195 -16.45 -11.42 -17.03
N LYS A 196 -16.98 -10.20 -17.14
CA LYS A 196 -17.61 -9.75 -18.36
C LYS A 196 -16.63 -9.59 -19.47
N ALA A 197 -15.37 -9.22 -19.18
CA ALA A 197 -14.35 -9.13 -20.21
C ALA A 197 -13.79 -10.48 -20.67
N GLY A 198 -14.29 -11.60 -20.13
CA GLY A 198 -13.86 -12.95 -20.57
C GLY A 198 -12.78 -13.58 -19.75
N LEU A 199 -12.40 -13.01 -18.57
CA LEU A 199 -11.34 -13.64 -17.81
C LEU A 199 -11.85 -14.89 -17.12
N THR A 200 -10.97 -15.87 -16.92
CA THR A 200 -11.35 -17.04 -16.12
C THR A 200 -11.43 -16.60 -14.68
N LEU A 201 -12.04 -17.43 -13.84
CA LEU A 201 -12.04 -17.19 -12.41
C LEU A 201 -10.60 -17.03 -11.79
N GLN A 202 -9.66 -17.88 -12.20
CA GLN A 202 -8.30 -17.74 -11.79
C GLN A 202 -7.72 -16.37 -12.22
N GLN A 203 -7.94 -16.00 -13.46
CA GLN A 203 -7.42 -14.76 -14.02
C GLN A 203 -8.07 -13.52 -13.30
N GLN A 204 -9.34 -13.65 -12.96
CA GLN A 204 -10.07 -12.62 -12.18
C GLN A 204 -9.41 -12.36 -10.84
N HIS A 205 -9.19 -13.42 -10.08
N HIS A 205 -9.20 -13.41 -10.06
CA HIS A 205 -8.58 -13.26 -8.75
CA HIS A 205 -8.58 -13.25 -8.75
C HIS A 205 -7.12 -12.79 -8.84
C HIS A 205 -7.15 -12.69 -8.90
N GLN A 206 -6.42 -13.21 -9.87
CA GLN A 206 -5.04 -12.75 -10.07
C GLN A 206 -4.93 -11.26 -10.43
N ARG A 207 -5.81 -10.81 -11.34
CA ARG A 207 -5.80 -9.43 -11.76
C ARG A 207 -6.25 -8.51 -10.61
N LEU A 208 -7.28 -8.91 -9.89
CA LEU A 208 -7.67 -8.20 -8.67
C LEU A 208 -6.48 -7.99 -7.75
N ALA A 209 -5.77 -9.05 -7.40
CA ALA A 209 -4.62 -8.94 -6.55
C ALA A 209 -3.55 -8.07 -7.08
N GLN A 210 -3.27 -8.19 -8.38
CA GLN A 210 -2.23 -7.34 -8.98
C GLN A 210 -2.55 -5.85 -8.80
N LEU A 211 -3.82 -5.52 -9.07
CA LEU A 211 -4.27 -4.11 -8.97
C LEU A 211 -4.18 -3.63 -7.53
N LEU A 212 -4.61 -4.44 -6.56
CA LEU A 212 -4.59 -3.99 -5.18
C LEU A 212 -3.18 -3.88 -4.66
N LEU A 213 -2.24 -4.71 -5.15
CA LEU A 213 -0.84 -4.52 -4.72
C LEU A 213 -0.21 -3.22 -5.30
N ILE A 214 -0.68 -2.78 -6.45
CA ILE A 214 -0.23 -1.50 -6.98
C ILE A 214 -0.62 -0.37 -6.02
N LEU A 215 -1.79 -0.53 -5.37
CA LEU A 215 -2.18 0.49 -4.45
C LEU A 215 -1.24 0.66 -3.27
N SER A 216 -0.53 -0.42 -2.82
CA SER A 216 0.54 -0.26 -1.82
C SER A 216 1.63 0.65 -2.27
N HIS A 217 1.97 0.53 -3.53
CA HIS A 217 2.96 1.42 -4.09
C HIS A 217 2.51 2.88 -4.26
N ILE A 218 1.24 3.07 -4.62
CA ILE A 218 0.69 4.44 -4.66
C ILE A 218 0.76 5.08 -3.26
N ARG A 219 0.43 4.28 -2.21
CA ARG A 219 0.54 4.80 -0.89
C ARG A 219 1.96 5.22 -0.58
N HIS A 220 2.92 4.37 -0.97
CA HIS A 220 4.36 4.68 -0.70
C HIS A 220 4.76 6.01 -1.43
N MET A 221 4.32 6.19 -2.66
CA MET A 221 4.64 7.41 -3.44
C MET A 221 4.05 8.62 -2.75
N SER A 222 2.78 8.51 -2.30
CA SER A 222 2.16 9.58 -1.54
C SER A 222 2.91 9.90 -0.28
N ASN A 223 3.31 8.89 0.49
CA ASN A 223 4.11 9.16 1.69
C ASN A 223 5.40 9.93 1.41
N LYS A 224 6.12 9.52 0.40
CA LYS A 224 7.31 10.21 -0.05
C LYS A 224 7.04 11.66 -0.48
N GLY A 225 6.00 11.87 -1.30
CA GLY A 225 5.57 13.25 -1.63
C GLY A 225 5.22 14.11 -0.41
N MET A 226 4.47 13.56 0.54
N MET A 226 4.49 13.52 0.53
CA MET A 226 4.09 14.28 1.78
CA MET A 226 4.05 14.22 1.73
C MET A 226 5.33 14.73 2.54
C MET A 226 5.22 14.61 2.65
N GLU A 227 6.34 13.87 2.64
CA GLU A 227 7.57 14.28 3.33
C GLU A 227 8.19 15.56 2.76
N HIS A 228 8.20 15.70 1.44
CA HIS A 228 8.70 16.92 0.79
C HIS A 228 7.81 18.14 0.96
N LEU A 229 6.51 17.93 0.96
CA LEU A 229 5.56 18.98 1.24
C LEU A 229 5.68 19.49 2.67
N TYR A 230 5.96 18.60 3.63
CA TYR A 230 6.21 19.05 5.00
C TYR A 230 7.54 19.85 5.11
N SER A 231 8.65 19.28 4.64
CA SER A 231 9.92 20.00 4.44
C SER A 231 9.80 21.42 3.93
N MET A 232 9.25 21.53 2.73
CA MET A 232 9.47 22.66 1.81
C MET A 232 9.22 24.11 2.26
N LYS A 233 8.08 24.47 2.83
CA LYS A 233 6.86 23.70 3.00
C LYS A 233 5.79 24.22 2.00
N CYS A 234 5.47 25.51 2.08
CA CYS A 234 4.18 26.02 1.58
C CYS A 234 3.90 27.53 1.40
N LYS A 235 2.66 27.79 0.94
CA LYS A 235 1.95 29.08 1.07
C LYS A 235 0.48 28.77 1.50
N ASN A 236 0.36 28.31 2.76
CA ASN A 236 -0.81 27.61 3.27
C ASN A 236 -1.89 28.57 3.78
N VAL A 237 -2.48 29.39 2.89
CA VAL A 237 -3.53 30.31 3.36
C VAL A 237 -4.78 29.56 3.83
N VAL A 238 -5.22 28.58 3.03
CA VAL A 238 -6.40 27.78 3.41
C VAL A 238 -5.89 26.37 3.60
N PRO A 239 -5.60 25.96 4.84
CA PRO A 239 -5.14 24.58 5.02
C PRO A 239 -6.22 23.60 4.53
N LEU A 240 -5.78 22.44 4.04
CA LEU A 240 -6.77 21.47 3.55
C LEU A 240 -7.81 21.08 4.61
N SER A 241 -7.40 20.85 5.85
CA SER A 241 -8.38 20.50 6.89
C SER A 241 -9.50 21.57 6.98
N ASP A 242 -9.15 22.85 6.85
CA ASP A 242 -10.17 23.93 6.89
C ASP A 242 -11.12 23.92 5.67
N LEU A 243 -10.54 23.71 4.48
CA LEU A 243 -11.34 23.57 3.25
C LEU A 243 -12.26 22.37 3.33
N LEU A 244 -11.73 21.27 3.87
CA LEU A 244 -12.56 20.07 3.97
C LEU A 244 -13.74 20.34 4.88
N LEU A 245 -13.44 20.91 6.04
CA LEU A 245 -14.53 21.21 6.99
C LEU A 245 -15.57 22.15 6.42
N GLU A 246 -15.13 23.23 5.81
CA GLU A 246 -16.06 24.12 5.12
C GLU A 246 -16.97 23.45 4.07
N MET A 247 -16.38 22.58 3.25
CA MET A 247 -17.16 21.97 2.15
C MET A 247 -17.99 20.76 2.58
N LEU A 248 -17.62 20.12 3.67
CA LEU A 248 -18.34 18.92 4.15
C LEU A 248 -19.29 19.11 5.39
N ASP A 249 -19.00 20.10 6.26
CA ASP A 249 -19.81 20.46 7.49
C ASP A 249 -21.19 20.95 7.03
N ALA A 250 -21.15 22.00 6.21
CA ALA A 250 -22.09 22.22 5.08
C ALA A 250 -22.80 20.96 4.54
N ARG B 4 8.55 -12.86 -20.43
CA ARG B 4 9.80 -12.18 -19.98
C ARG B 4 10.79 -13.08 -19.17
N SER B 5 10.37 -13.59 -18.00
CA SER B 5 11.27 -14.45 -17.18
C SER B 5 11.77 -15.73 -17.90
N LYS B 6 13.08 -15.97 -17.87
CA LYS B 6 13.70 -17.25 -18.39
C LYS B 6 13.88 -18.36 -17.30
N LYS B 7 13.45 -18.14 -16.04
CA LYS B 7 13.84 -19.05 -14.89
C LYS B 7 12.88 -20.17 -14.69
N ASN B 8 13.40 -21.40 -14.52
CA ASN B 8 12.62 -22.58 -14.27
C ASN B 8 12.53 -22.72 -12.74
N SER B 9 11.50 -22.13 -12.16
CA SER B 9 11.37 -21.99 -10.69
C SER B 9 10.39 -23.02 -10.15
N LEU B 10 10.85 -23.81 -9.20
CA LEU B 10 10.02 -24.86 -8.57
C LEU B 10 8.75 -24.28 -7.98
N ALA B 11 8.86 -23.06 -7.47
CA ALA B 11 7.70 -22.36 -6.86
C ALA B 11 6.52 -22.30 -7.79
N LEU B 12 6.81 -22.05 -9.06
CA LEU B 12 5.72 -21.83 -10.00
C LEU B 12 4.91 -23.02 -10.38
N SER B 13 5.42 -24.22 -10.10
CA SER B 13 4.62 -25.40 -10.30
C SER B 13 4.19 -26.06 -8.99
N LEU B 14 4.38 -25.39 -7.83
CA LEU B 14 3.81 -25.91 -6.59
C LEU B 14 2.30 -25.85 -6.62
N THR B 15 1.63 -26.80 -6.00
CA THR B 15 0.22 -26.65 -5.81
C THR B 15 0.00 -25.69 -4.64
N ALA B 16 -1.24 -25.25 -4.45
CA ALA B 16 -1.56 -24.37 -3.30
C ALA B 16 -1.17 -25.02 -1.98
N ASP B 17 -1.58 -26.28 -1.78
CA ASP B 17 -1.20 -26.97 -0.56
C ASP B 17 0.30 -27.05 -0.31
N GLN B 18 1.03 -27.28 -1.39
CA GLN B 18 2.49 -27.36 -1.30
C GLN B 18 3.12 -26.03 -0.97
N MET B 19 2.56 -24.96 -1.58
CA MET B 19 3.02 -23.61 -1.24
C MET B 19 2.82 -23.29 0.26
N VAL B 20 1.61 -23.56 0.76
CA VAL B 20 1.31 -23.38 2.18
C VAL B 20 2.22 -24.13 3.10
N SER B 21 2.40 -25.41 2.79
CA SER B 21 3.33 -26.23 3.54
C SER B 21 4.72 -25.68 3.62
N ALA B 22 5.27 -25.23 2.47
CA ALA B 22 6.62 -24.67 2.42
C ALA B 22 6.74 -23.40 3.24
N LEU B 23 5.68 -22.60 3.19
CA LEU B 23 5.69 -21.33 3.95
C LEU B 23 5.58 -21.57 5.48
N LEU B 24 4.72 -22.49 5.86
CA LEU B 24 4.62 -22.86 7.25
C LEU B 24 5.94 -23.40 7.71
N ASP B 25 6.58 -24.26 6.94
CA ASP B 25 7.92 -24.76 7.32
C ASP B 25 9.02 -23.74 7.42
N ALA B 26 8.92 -22.66 6.67
CA ALA B 26 9.91 -21.63 6.68
C ALA B 26 9.91 -20.70 7.91
N GLU B 27 8.87 -20.75 8.69
CA GLU B 27 8.64 -19.74 9.77
C GLU B 27 9.84 -19.67 10.67
N PRO B 28 10.23 -18.46 11.02
CA PRO B 28 11.35 -18.29 11.90
C PRO B 28 11.06 -18.64 13.37
N PRO B 29 12.13 -18.77 14.17
CA PRO B 29 11.89 -19.18 15.53
C PRO B 29 11.30 -18.01 16.32
N ILE B 30 10.70 -18.32 17.46
CA ILE B 30 10.13 -17.29 18.33
C ILE B 30 11.25 -16.82 19.27
N LEU B 31 11.41 -15.52 19.36
CA LEU B 31 12.59 -14.87 19.98
C LEU B 31 12.13 -14.14 21.23
N TYR B 32 13.05 -14.07 22.20
CA TYR B 32 12.75 -13.44 23.51
C TYR B 32 13.49 -12.14 23.55
N SER B 33 12.87 -11.08 24.06
CA SER B 33 13.58 -9.83 24.25
C SER B 33 14.57 -9.97 25.39
N GLU B 34 15.61 -9.13 25.40
CA GLU B 34 16.50 -8.96 26.57
C GLU B 34 15.98 -7.85 27.53
N TYR B 35 14.71 -8.02 27.93
CA TYR B 35 13.93 -7.06 28.67
C TYR B 35 13.87 -7.48 30.16
N ASP B 36 14.31 -6.59 31.04
CA ASP B 36 14.31 -6.85 32.48
C ASP B 36 13.11 -6.12 33.08
N PRO B 37 12.03 -6.84 33.46
CA PRO B 37 10.83 -6.17 33.95
C PRO B 37 10.94 -5.40 35.27
N THR B 38 12.08 -5.51 35.95
CA THR B 38 12.30 -4.69 37.16
C THR B 38 12.89 -3.33 36.79
N ARG B 39 13.32 -3.18 35.52
CA ARG B 39 13.95 -1.95 35.04
C ARG B 39 12.86 -1.00 34.45
N PRO B 40 12.60 0.15 35.12
CA PRO B 40 11.68 1.12 34.48
C PRO B 40 12.20 1.54 33.12
N PHE B 41 11.30 1.77 32.21
CA PHE B 41 11.62 2.29 30.87
C PHE B 41 11.96 3.75 30.79
N SER B 42 13.01 4.08 30.02
CA SER B 42 13.26 5.44 29.53
C SER B 42 13.25 5.40 28.01
N GLU B 43 13.46 6.56 27.37
CA GLU B 43 13.49 6.61 25.90
C GLU B 43 14.61 5.76 25.35
N ALA B 44 15.83 6.00 25.81
CA ALA B 44 16.99 5.29 25.25
C ALA B 44 16.91 3.78 25.58
N SER B 45 16.36 3.45 26.76
CA SER B 45 16.25 2.06 27.19
C SER B 45 15.19 1.28 26.32
N MET B 46 14.07 1.92 26.02
CA MET B 46 13.05 1.29 25.18
C MET B 46 13.53 1.14 23.71
N MET B 47 14.17 2.18 23.21
CA MET B 47 14.72 2.19 21.85
C MET B 47 15.88 1.20 21.73
N GLY B 48 16.65 1.04 22.82
CA GLY B 48 17.59 -0.05 22.96
C GLY B 48 16.97 -1.44 22.85
N LEU B 49 15.91 -1.71 23.61
CA LEU B 49 15.22 -3.00 23.59
C LEU B 49 14.70 -3.30 22.16
N LEU B 50 14.10 -2.27 21.54
CA LEU B 50 13.45 -2.50 20.23
C LEU B 50 14.45 -2.70 19.16
N THR B 51 15.49 -1.90 19.15
CA THR B 51 16.56 -1.99 18.21
C THR B 51 17.25 -3.34 18.27
N ASN B 52 17.48 -3.82 19.49
CA ASN B 52 18.12 -5.10 19.70
C ASN B 52 17.24 -6.18 19.13
N LEU B 53 15.95 -6.11 19.43
CA LEU B 53 14.99 -7.08 18.93
C LEU B 53 14.97 -7.08 17.38
N ALA B 54 14.90 -5.88 16.78
CA ALA B 54 14.92 -5.70 15.29
C ALA B 54 16.19 -6.25 14.65
N ASP B 55 17.34 -5.89 15.20
CA ASP B 55 18.62 -6.48 14.68
C ASP B 55 18.67 -8.00 14.71
N ARG B 56 18.24 -8.57 15.82
CA ARG B 56 18.14 -10.00 15.95
C ARG B 56 17.11 -10.66 15.05
N GLU B 57 15.92 -10.06 14.94
CA GLU B 57 14.93 -10.60 14.04
C GLU B 57 15.43 -10.60 12.61
N LEU B 58 16.26 -9.64 12.25
CA LEU B 58 16.72 -9.48 10.88
C LEU B 58 17.59 -10.67 10.45
N VAL B 59 18.40 -11.22 11.38
CA VAL B 59 19.21 -12.40 11.07
C VAL B 59 18.34 -13.55 10.72
N HIS B 60 17.30 -13.77 11.51
CA HIS B 60 16.41 -14.86 11.28
C HIS B 60 15.50 -14.63 10.04
N MET B 61 15.23 -13.39 9.74
CA MET B 61 14.42 -13.07 8.58
C MET B 61 15.17 -13.45 7.29
N ILE B 62 16.48 -13.24 7.28
CA ILE B 62 17.33 -13.69 6.16
C ILE B 62 17.16 -15.20 5.94
N ASN B 63 17.21 -16.00 7.00
CA ASN B 63 17.04 -17.49 6.92
C ASN B 63 15.70 -17.91 6.46
N TRP B 64 14.71 -17.16 6.92
CA TRP B 64 13.34 -17.35 6.43
C TRP B 64 13.20 -17.06 4.95
N ALA B 65 13.71 -15.92 4.52
CA ALA B 65 13.54 -15.49 3.13
C ALA B 65 14.14 -16.53 2.16
N LYS B 66 15.26 -17.08 2.57
CA LYS B 66 15.91 -18.18 1.79
C LYS B 66 15.01 -19.40 1.60
N ARG B 67 14.02 -19.60 2.46
CA ARG B 67 13.11 -20.70 2.37
C ARG B 67 11.74 -20.40 1.73
N VAL B 68 11.58 -19.15 1.26
CA VAL B 68 10.33 -18.72 0.62
C VAL B 68 10.41 -19.18 -0.83
N PRO B 69 9.51 -20.08 -1.25
CA PRO B 69 9.67 -20.51 -2.65
C PRO B 69 9.66 -19.33 -3.65
N GLY B 70 10.58 -19.41 -4.59
CA GLY B 70 10.71 -18.50 -5.63
C GLY B 70 11.71 -17.40 -5.33
N PHE B 71 12.10 -17.23 -4.03
CA PHE B 71 12.91 -16.12 -3.63
C PHE B 71 14.32 -16.39 -3.98
N VAL B 72 14.87 -17.61 -3.71
CA VAL B 72 16.27 -17.81 -4.09
C VAL B 72 16.41 -18.04 -5.54
N ASP B 73 15.32 -18.01 -6.34
CA ASP B 73 15.50 -18.04 -7.81
C ASP B 73 15.89 -16.67 -8.36
N LEU B 74 15.68 -15.59 -7.60
CA LEU B 74 16.06 -14.27 -8.04
C LEU B 74 17.56 -14.17 -7.99
N THR B 75 18.08 -13.17 -8.70
CA THR B 75 19.47 -12.81 -8.63
C THR B 75 19.75 -12.37 -7.21
N LEU B 76 20.98 -12.58 -6.77
CA LEU B 76 21.39 -12.03 -5.46
C LEU B 76 21.06 -10.55 -5.22
N HIS B 77 21.41 -9.70 -6.16
CA HIS B 77 21.12 -8.24 -6.07
C HIS B 77 19.60 -8.01 -5.82
N ASP B 78 18.75 -8.77 -6.52
CA ASP B 78 17.31 -8.58 -6.34
C ASP B 78 16.82 -9.09 -4.98
N GLN B 79 17.41 -10.16 -4.46
CA GLN B 79 17.06 -10.68 -3.13
C GLN B 79 17.40 -9.64 -2.09
N VAL B 80 18.56 -9.01 -2.27
CA VAL B 80 19.05 -8.02 -1.30
C VAL B 80 18.07 -6.83 -1.26
N HIS B 81 17.72 -6.38 -2.45
CA HIS B 81 16.87 -5.21 -2.62
C HIS B 81 15.52 -5.45 -1.93
N LEU B 82 14.92 -6.61 -2.16
CA LEU B 82 13.64 -6.92 -1.51
C LEU B 82 13.73 -6.87 0.01
N LEU B 83 14.73 -7.53 0.55
CA LEU B 83 14.94 -7.49 2.01
C LEU B 83 15.23 -6.09 2.59
N GLU B 84 16.06 -5.30 1.94
CA GLU B 84 16.28 -3.86 2.28
C GLU B 84 15.02 -3.00 2.29
N CYS B 85 14.15 -3.24 1.34
CA CYS B 85 12.85 -2.55 1.28
C CYS B 85 11.82 -3.03 2.25
N ALA B 86 11.79 -4.33 2.51
CA ALA B 86 10.66 -4.94 3.16
C ALA B 86 10.85 -5.16 4.64
N TRP B 87 12.07 -5.05 5.16
CA TRP B 87 12.31 -5.60 6.51
C TRP B 87 11.34 -5.09 7.61
N LEU B 88 11.05 -3.80 7.62
CA LEU B 88 10.15 -3.27 8.67
C LEU B 88 8.72 -3.67 8.49
N GLU B 89 8.25 -3.77 7.24
CA GLU B 89 6.94 -4.34 6.98
C GLU B 89 6.81 -5.76 7.46
N ILE B 90 7.89 -6.54 7.24
CA ILE B 90 7.87 -7.95 7.61
C ILE B 90 7.88 -8.05 9.15
N LEU B 91 8.69 -7.24 9.80
CA LEU B 91 8.58 -7.22 11.30
C LEU B 91 7.18 -6.89 11.78
N MET B 92 6.59 -5.86 11.17
CA MET B 92 5.27 -5.40 11.55
C MET B 92 4.16 -6.37 11.35
N ILE B 93 4.14 -7.08 10.23
CA ILE B 93 3.11 -8.03 10.07
C ILE B 93 3.23 -9.16 11.10
N GLY B 94 4.46 -9.52 11.41
CA GLY B 94 4.72 -10.52 12.46
C GLY B 94 4.13 -10.05 13.82
N LEU B 95 4.41 -8.82 14.17
CA LEU B 95 3.93 -8.19 15.41
C LEU B 95 2.41 -8.15 15.49
N VAL B 96 1.74 -7.66 14.44
CA VAL B 96 0.30 -7.62 14.48
C VAL B 96 -0.39 -8.97 14.51
N TRP B 97 0.18 -9.97 13.81
CA TRP B 97 -0.28 -11.37 13.94
C TRP B 97 -0.19 -11.88 15.43
N ARG B 98 0.96 -11.67 16.03
CA ARG B 98 1.23 -12.22 17.38
C ARG B 98 0.33 -11.46 18.36
N SER B 99 -0.01 -10.22 18.03
CA SER B 99 -0.78 -9.39 18.98
C SER B 99 -2.29 -9.54 18.93
N MET B 100 -2.82 -10.37 18.03
CA MET B 100 -4.25 -10.43 17.81
C MET B 100 -5.06 -10.70 19.09
N GLU B 101 -4.69 -11.75 19.79
CA GLU B 101 -5.33 -12.10 21.05
C GLU B 101 -4.83 -11.29 22.24
N HIS B 102 -4.34 -10.07 22.02
CA HIS B 102 -3.97 -9.18 23.11
C HIS B 102 -4.49 -7.77 22.94
N PRO B 103 -5.83 -7.59 22.92
CA PRO B 103 -6.38 -6.26 22.72
C PRO B 103 -5.67 -5.17 23.56
N GLY B 104 -5.28 -4.08 22.92
CA GLY B 104 -4.67 -2.95 23.62
C GLY B 104 -3.19 -3.06 23.84
N LYS B 105 -2.59 -4.16 23.39
CA LYS B 105 -1.22 -4.46 23.67
C LYS B 105 -0.52 -4.99 22.39
N LEU B 106 0.77 -4.77 22.32
CA LEU B 106 1.61 -5.28 21.26
C LEU B 106 2.57 -6.26 21.87
N LEU B 107 2.43 -7.50 21.44
CA LEU B 107 3.37 -8.54 21.79
C LEU B 107 4.65 -8.55 20.97
N PHE B 108 5.59 -7.74 21.36
CA PHE B 108 6.85 -7.74 20.64
C PHE B 108 7.62 -9.05 20.74
N ALA B 109 7.56 -9.64 21.93
CA ALA B 109 8.13 -10.93 22.22
C ALA B 109 7.26 -11.51 23.34
N PRO B 110 7.36 -12.83 23.56
CA PRO B 110 6.67 -13.49 24.70
C PRO B 110 6.85 -12.81 26.09
N ASN B 111 8.03 -12.24 26.32
CA ASN B 111 8.36 -11.52 27.58
C ASN B 111 8.31 -10.00 27.40
N LEU B 112 7.70 -9.51 26.33
CA LEU B 112 7.68 -8.09 26.04
C LEU B 112 6.36 -7.64 25.43
N LEU B 113 5.39 -7.52 26.31
CA LEU B 113 4.03 -7.17 25.95
C LEU B 113 3.84 -5.73 26.36
N LEU B 114 3.68 -4.82 25.39
CA LEU B 114 3.57 -3.37 25.65
C LEU B 114 2.16 -2.80 25.35
N ASP B 115 1.61 -1.96 26.24
CA ASP B 115 0.33 -1.25 25.89
C ASP B 115 0.67 0.13 25.37
N ARG B 116 -0.34 0.84 24.87
CA ARG B 116 -0.17 2.20 24.31
C ARG B 116 0.74 3.11 25.09
N ASN B 117 0.45 3.19 26.40
CA ASN B 117 1.12 4.14 27.30
C ASN B 117 2.63 3.99 27.33
N GLN B 118 3.10 2.76 27.21
CA GLN B 118 4.53 2.50 27.15
C GLN B 118 5.17 2.92 25.81
N GLY B 119 4.38 3.05 24.75
CA GLY B 119 4.85 3.71 23.53
C GLY B 119 5.28 5.18 23.68
N LYS B 120 4.65 5.88 24.63
CA LYS B 120 4.95 7.28 24.94
C LYS B 120 6.39 7.54 25.46
N SER B 121 7.06 6.51 26.00
CA SER B 121 8.48 6.68 26.46
C SER B 121 9.49 6.93 25.32
N VAL B 122 9.03 6.85 24.06
CA VAL B 122 9.77 7.34 22.91
C VAL B 122 8.96 8.31 22.02
N GLU B 123 9.58 9.44 21.74
CA GLU B 123 9.01 10.50 20.92
C GLU B 123 8.52 9.92 19.64
N GLY B 124 7.25 10.10 19.31
CA GLY B 124 6.75 9.75 18.00
C GLY B 124 6.13 8.37 17.86
N MET B 125 6.59 7.45 18.68
CA MET B 125 6.31 6.03 18.55
C MET B 125 4.89 5.64 18.93
N VAL B 126 4.19 6.39 19.81
CA VAL B 126 2.78 6.01 20.16
C VAL B 126 1.84 6.12 18.91
N GLU B 127 2.14 7.06 18.00
CA GLU B 127 1.38 7.22 16.72
C GLU B 127 1.43 5.91 15.87
N ILE B 128 2.62 5.31 15.81
CA ILE B 128 2.84 4.04 15.12
C ILE B 128 2.19 2.93 15.93
N PHE B 129 2.30 2.98 17.27
CA PHE B 129 1.66 1.99 18.09
C PHE B 129 0.17 1.89 17.81
N ASP B 130 -0.52 3.04 17.75
CA ASP B 130 -1.99 3.03 17.54
C ASP B 130 -2.40 2.39 16.21
N MET B 131 -1.62 2.71 15.21
CA MET B 131 -1.83 2.13 13.87
C MET B 131 -1.64 0.60 13.87
N LEU B 132 -0.62 0.14 14.55
CA LEU B 132 -0.35 -1.32 14.70
C LEU B 132 -1.44 -2.03 15.49
N LEU B 133 -1.92 -1.36 16.56
CA LEU B 133 -3.02 -1.90 17.34
C LEU B 133 -4.24 -2.03 16.52
N ALA B 134 -4.61 -0.97 15.76
CA ALA B 134 -5.75 -1.02 14.89
C ALA B 134 -5.65 -2.14 13.86
N THR B 135 -4.47 -2.30 13.28
CA THR B 135 -4.24 -3.40 12.35
C THR B 135 -4.42 -4.77 12.94
N SER B 136 -3.87 -4.98 14.14
CA SER B 136 -4.06 -6.24 14.82
C SER B 136 -5.56 -6.53 15.10
N SER B 137 -6.32 -5.51 15.55
CA SER B 137 -7.78 -5.66 15.77
C SER B 137 -8.52 -6.01 14.52
N ARG B 138 -8.13 -5.36 13.45
CA ARG B 138 -8.65 -5.75 12.15
C ARG B 138 -8.44 -7.26 11.81
N PHE B 139 -7.21 -7.73 11.94
CA PHE B 139 -6.96 -9.14 11.71
C PHE B 139 -7.76 -10.06 12.68
N ARG B 140 -7.83 -9.66 13.95
CA ARG B 140 -8.62 -10.44 14.91
C ARG B 140 -10.07 -10.52 14.52
N MET B 141 -10.68 -9.43 14.10
CA MET B 141 -12.09 -9.42 13.63
C MET B 141 -12.34 -10.26 12.38
N MET B 142 -11.34 -10.33 11.51
CA MET B 142 -11.46 -11.09 10.29
C MET B 142 -11.11 -12.53 10.58
N ASN B 143 -10.69 -12.86 11.80
CA ASN B 143 -10.28 -14.19 12.18
C ASN B 143 -9.15 -14.69 11.22
N LEU B 144 -8.19 -13.83 10.98
CA LEU B 144 -7.00 -14.22 10.16
C LEU B 144 -6.41 -15.60 10.65
N GLN B 145 -6.22 -16.50 9.70
CA GLN B 145 -5.67 -17.87 9.92
C GLN B 145 -4.14 -17.86 9.71
N GLY B 146 -3.41 -18.72 10.41
CA GLY B 146 -1.99 -18.81 10.26
C GLY B 146 -1.55 -19.02 8.79
N GLU B 147 -2.30 -19.85 8.04
CA GLU B 147 -1.97 -20.18 6.63
C GLU B 147 -2.06 -18.90 5.75
N GLU B 148 -3.01 -18.01 6.13
CA GLU B 148 -3.26 -16.80 5.38
C GLU B 148 -2.13 -15.84 5.72
N PHE B 149 -1.77 -15.73 7.00
CA PHE B 149 -0.65 -14.91 7.46
C PHE B 149 0.65 -15.14 6.70
N VAL B 150 1.07 -16.43 6.59
CA VAL B 150 2.35 -16.68 5.93
C VAL B 150 2.28 -16.35 4.46
N CYS B 151 1.12 -16.50 3.85
CA CYS B 151 0.99 -16.03 2.46
C CYS B 151 1.21 -14.53 2.37
N LEU B 152 0.53 -13.79 3.25
CA LEU B 152 0.70 -12.33 3.24
C LEU B 152 2.09 -11.89 3.52
N LYS B 153 2.82 -12.56 4.44
CA LYS B 153 4.15 -12.10 4.73
C LYS B 153 5.11 -12.28 3.54
N SER B 154 4.94 -13.37 2.79
CA SER B 154 5.66 -13.57 1.54
C SER B 154 5.30 -12.60 0.46
N ILE B 155 4.02 -12.28 0.37
CA ILE B 155 3.57 -11.17 -0.55
C ILE B 155 4.29 -9.88 -0.22
N ILE B 156 4.38 -9.49 1.06
CA ILE B 156 5.06 -8.26 1.41
C ILE B 156 6.49 -8.26 0.95
N LEU B 157 7.14 -9.40 1.21
CA LEU B 157 8.55 -9.46 0.71
C LEU B 157 8.68 -9.24 -0.78
N LEU B 158 7.88 -9.98 -1.53
CA LEU B 158 7.95 -9.96 -3.03
C LEU B 158 7.47 -8.65 -3.65
N ASN B 159 6.53 -7.97 -3.01
CA ASN B 159 5.98 -6.72 -3.49
C ASN B 159 6.75 -5.48 -3.04
N SER B 160 7.85 -5.63 -2.32
CA SER B 160 8.46 -4.49 -1.66
C SER B 160 9.30 -3.56 -2.53
N GLY B 161 9.68 -4.03 -3.71
CA GLY B 161 10.72 -3.43 -4.51
C GLY B 161 10.26 -2.13 -5.08
N VAL B 162 11.21 -1.20 -5.26
CA VAL B 162 10.94 0.11 -5.76
C VAL B 162 10.51 -0.03 -7.24
N TYR B 163 9.33 0.46 -7.57
CA TYR B 163 8.89 0.65 -8.98
C TYR B 163 9.89 1.50 -9.84
N THR B 164 10.29 0.92 -10.97
CA THR B 164 11.25 1.56 -11.87
C THR B 164 10.80 1.51 -13.31
N PHE B 165 11.01 2.65 -13.99
CA PHE B 165 10.70 2.77 -15.43
C PHE B 165 12.01 3.14 -16.14
N LEU B 166 12.47 4.36 -15.90
CA LEU B 166 13.71 4.81 -16.54
C LEU B 166 14.87 4.03 -15.91
N SER B 167 14.70 3.51 -14.70
CA SER B 167 15.79 2.95 -14.00
C SER B 167 15.87 1.41 -14.22
N SER B 168 14.98 0.90 -15.06
CA SER B 168 14.93 -0.50 -15.39
C SER B 168 15.95 -0.93 -16.45
N THR B 169 16.48 -2.15 -16.32
CA THR B 169 17.25 -2.82 -17.36
C THR B 169 16.44 -3.93 -17.90
N LEU B 170 16.87 -4.45 -19.04
CA LEU B 170 16.22 -5.67 -19.60
C LEU B 170 16.25 -6.82 -18.57
N LYS B 171 17.38 -7.02 -17.92
CA LYS B 171 17.47 -8.05 -16.88
C LYS B 171 16.56 -7.80 -15.66
N SER B 172 16.45 -6.55 -15.19
CA SER B 172 15.63 -6.27 -14.03
C SER B 172 14.21 -6.60 -14.37
N LEU B 173 13.82 -6.31 -15.59
CA LEU B 173 12.48 -6.58 -16.05
C LEU B 173 12.13 -8.05 -16.07
N GLU B 174 13.07 -8.91 -16.42
CA GLU B 174 12.82 -10.37 -16.33
C GLU B 174 12.65 -10.81 -14.89
N GLU B 175 13.43 -10.21 -14.01
CA GLU B 175 13.32 -10.54 -12.62
C GLU B 175 11.94 -10.11 -12.09
N LYS B 176 11.47 -8.95 -12.50
CA LYS B 176 10.16 -8.45 -12.02
C LYS B 176 9.07 -9.38 -12.55
N ASP B 177 9.22 -9.87 -13.78
CA ASP B 177 8.20 -10.81 -14.32
C ASP B 177 8.14 -12.12 -13.48
N HIS B 178 9.29 -12.64 -13.09
CA HIS B 178 9.39 -13.82 -12.22
C HIS B 178 8.65 -13.51 -10.88
N ILE B 179 8.92 -12.33 -10.30
CA ILE B 179 8.24 -11.89 -9.04
C ILE B 179 6.75 -11.91 -9.20
N HIS B 180 6.26 -11.37 -10.32
CA HIS B 180 4.81 -11.31 -10.54
C HIS B 180 4.21 -12.72 -10.68
N ARG B 181 4.93 -13.62 -11.33
CA ARG B 181 4.43 -15.03 -11.36
C ARG B 181 4.36 -15.67 -9.97
N VAL B 182 5.36 -15.45 -9.15
CA VAL B 182 5.34 -15.96 -7.79
C VAL B 182 4.17 -15.37 -7.00
N LEU B 183 3.99 -14.07 -7.17
CA LEU B 183 2.85 -13.40 -6.54
C LEU B 183 1.53 -14.00 -7.00
N ASP B 184 1.36 -14.27 -8.30
CA ASP B 184 0.11 -14.93 -8.80
C ASP B 184 -0.13 -16.34 -8.15
N LYS B 185 0.98 -17.11 -7.97
CA LYS B 185 0.89 -18.38 -7.23
C LYS B 185 0.37 -18.17 -5.78
N ILE B 186 0.89 -17.15 -5.09
CA ILE B 186 0.42 -16.88 -3.74
C ILE B 186 -1.08 -16.47 -3.71
N THR B 187 -1.49 -15.63 -4.65
CA THR B 187 -2.89 -15.26 -4.77
C THR B 187 -3.71 -16.54 -4.94
N ASP B 188 -3.31 -17.41 -5.88
CA ASP B 188 -3.99 -18.70 -6.03
C ASP B 188 -4.10 -19.47 -4.74
N THR B 189 -3.04 -19.45 -3.97
CA THR B 189 -2.97 -20.21 -2.72
C THR B 189 -3.93 -19.65 -1.69
N LEU B 190 -3.98 -18.34 -1.59
CA LEU B 190 -4.95 -17.66 -0.72
C LEU B 190 -6.34 -17.99 -1.07
N ILE B 191 -6.71 -17.95 -2.32
CA ILE B 191 -8.05 -18.28 -2.76
C ILE B 191 -8.40 -19.74 -2.42
N HIS B 192 -7.45 -20.62 -2.69
CA HIS B 192 -7.63 -22.06 -2.35
C HIS B 192 -7.94 -22.28 -0.91
N LEU B 193 -7.16 -21.68 -0.02
CA LEU B 193 -7.33 -21.79 1.42
C LEU B 193 -8.73 -21.36 1.82
N MET B 194 -9.16 -20.22 1.25
CA MET B 194 -10.50 -19.71 1.48
C MET B 194 -11.61 -20.63 0.98
N ALA B 195 -11.45 -21.20 -0.20
CA ALA B 195 -12.39 -22.10 -0.77
C ALA B 195 -12.51 -23.36 0.09
N LYS B 196 -11.38 -23.87 0.56
CA LYS B 196 -11.31 -24.99 1.49
C LYS B 196 -11.94 -24.74 2.84
N ALA B 197 -11.84 -23.52 3.35
CA ALA B 197 -12.55 -23.13 4.57
C ALA B 197 -14.05 -22.91 4.40
N GLY B 198 -14.61 -23.01 3.20
CA GLY B 198 -16.05 -23.01 2.98
C GLY B 198 -16.60 -21.67 2.58
N LEU B 199 -15.71 -20.72 2.28
CA LEU B 199 -16.20 -19.44 1.72
C LEU B 199 -16.82 -19.58 0.36
N THR B 200 -17.91 -18.83 0.14
CA THR B 200 -18.47 -18.70 -1.16
C THR B 200 -17.48 -17.94 -2.07
N LEU B 201 -17.63 -18.06 -3.39
CA LEU B 201 -16.85 -17.31 -4.38
C LEU B 201 -16.85 -15.82 -4.13
N GLN B 202 -18.02 -15.25 -3.82
CA GLN B 202 -18.07 -13.87 -3.45
C GLN B 202 -17.27 -13.57 -2.19
N GLN B 203 -17.41 -14.37 -1.14
CA GLN B 203 -16.71 -14.17 0.06
C GLN B 203 -15.16 -14.32 -0.15
N GLN B 204 -14.78 -15.23 -1.03
CA GLN B 204 -13.34 -15.43 -1.35
C GLN B 204 -12.70 -14.14 -1.92
N HIS B 205 -13.34 -13.61 -2.95
N HIS B 205 -13.27 -13.59 -2.99
CA HIS B 205 -12.86 -12.35 -3.64
CA HIS B 205 -12.72 -12.34 -3.59
C HIS B 205 -12.89 -11.13 -2.75
C HIS B 205 -12.75 -11.20 -2.56
N GLN B 206 -13.92 -11.02 -1.90
CA GLN B 206 -13.97 -9.99 -0.88
C GLN B 206 -12.88 -10.09 0.18
N ARG B 207 -12.60 -11.28 0.71
CA ARG B 207 -11.56 -11.41 1.72
C ARG B 207 -10.16 -11.18 1.14
N LEU B 208 -9.94 -11.67 -0.04
CA LEU B 208 -8.61 -11.47 -0.74
C LEU B 208 -8.36 -9.96 -0.83
N ALA B 209 -9.40 -9.19 -1.22
CA ALA B 209 -9.26 -7.75 -1.28
C ALA B 209 -8.99 -7.14 0.08
N GLN B 210 -9.76 -7.56 1.09
CA GLN B 210 -9.63 -6.99 2.44
C GLN B 210 -8.19 -7.23 2.96
N LEU B 211 -7.67 -8.43 2.74
CA LEU B 211 -6.30 -8.69 3.23
C LEU B 211 -5.21 -7.88 2.47
N LEU B 212 -5.36 -7.79 1.15
CA LEU B 212 -4.34 -7.04 0.33
C LEU B 212 -4.44 -5.53 0.57
N LEU B 213 -5.64 -5.03 0.86
CA LEU B 213 -5.75 -3.62 1.33
C LEU B 213 -5.07 -3.31 2.65
N ILE B 214 -5.07 -4.25 3.56
CA ILE B 214 -4.27 -4.11 4.81
C ILE B 214 -2.77 -3.98 4.56
N LEU B 215 -2.28 -4.62 3.50
CA LEU B 215 -0.88 -4.40 3.11
C LEU B 215 -0.52 -2.94 2.74
N SER B 216 -1.46 -2.15 2.20
CA SER B 216 -1.23 -0.72 2.05
C SER B 216 -1.02 -0.05 3.37
N HIS B 217 -1.79 -0.47 4.38
CA HIS B 217 -1.62 0.10 5.74
C HIS B 217 -0.29 -0.31 6.34
N ILE B 218 0.18 -1.54 6.06
CA ILE B 218 1.48 -2.01 6.55
C ILE B 218 2.59 -1.19 5.91
N ARG B 219 2.51 -0.96 4.60
CA ARG B 219 3.45 -0.12 3.93
C ARG B 219 3.52 1.30 4.56
N HIS B 220 2.33 1.88 4.81
CA HIS B 220 2.23 3.21 5.41
C HIS B 220 2.98 3.21 6.75
N MET B 221 2.70 2.20 7.57
CA MET B 221 3.31 2.16 8.92
C MET B 221 4.81 2.03 8.84
N SER B 222 5.26 1.18 7.93
CA SER B 222 6.69 1.10 7.66
C SER B 222 7.33 2.40 7.21
N ASN B 223 6.69 3.15 6.31
CA ASN B 223 7.21 4.40 5.81
C ASN B 223 7.34 5.37 6.96
N LYS B 224 6.33 5.40 7.82
CA LYS B 224 6.38 6.32 8.93
C LYS B 224 7.50 5.91 9.93
N GLY B 225 7.62 4.61 10.17
CA GLY B 225 8.71 4.08 10.98
C GLY B 225 10.06 4.47 10.46
N MET B 226 10.28 4.23 9.17
N MET B 226 10.28 4.26 9.17
CA MET B 226 11.51 4.58 8.53
CA MET B 226 11.53 4.61 8.53
C MET B 226 11.84 6.07 8.66
C MET B 226 11.87 6.09 8.57
N GLU B 227 10.86 6.96 8.50
CA GLU B 227 11.12 8.39 8.66
C GLU B 227 11.72 8.70 10.05
N HIS B 228 11.04 8.20 11.09
CA HIS B 228 11.54 8.26 12.48
C HIS B 228 12.94 7.67 12.68
N LEU B 229 13.24 6.48 12.16
CA LEU B 229 14.59 5.92 12.27
C LEU B 229 15.63 6.73 11.57
N TYR B 230 15.34 7.14 10.35
CA TYR B 230 16.26 8.02 9.59
C TYR B 230 16.54 9.33 10.35
N SER B 231 15.55 9.88 11.05
CA SER B 231 15.75 11.11 11.81
C SER B 231 16.43 10.92 13.20
N MET B 232 16.65 9.67 13.62
CA MET B 232 17.55 9.35 14.73
C MET B 232 18.98 8.97 14.25
N LYS B 233 19.22 9.08 12.94
CA LYS B 233 20.52 8.95 12.27
C LYS B 233 21.03 7.53 12.25
N CYS B 234 20.16 6.60 11.83
CA CYS B 234 20.44 5.17 11.91
C CYS B 234 21.43 4.60 10.88
N LYS B 235 21.19 4.84 9.59
CA LYS B 235 21.95 4.23 8.47
C LYS B 235 21.84 2.70 8.43
N SER B 241 24.10 -4.37 5.05
CA SER B 241 24.01 -4.98 3.72
C SER B 241 25.17 -5.91 3.23
N ASP B 242 26.28 -6.03 3.99
CA ASP B 242 27.39 -6.93 3.61
C ASP B 242 27.25 -8.31 4.32
N LEU B 243 26.61 -8.26 5.47
CA LEU B 243 25.74 -9.32 5.95
C LEU B 243 24.88 -9.96 4.87
N LEU B 244 24.04 -9.14 4.28
CA LEU B 244 22.85 -9.61 3.58
C LEU B 244 23.39 -10.46 2.47
N LEU B 245 24.31 -9.84 1.73
CA LEU B 245 24.86 -10.42 0.53
C LEU B 245 25.45 -11.75 0.90
N GLU B 246 26.15 -11.78 2.04
CA GLU B 246 26.98 -12.92 2.34
C GLU B 246 26.20 -14.04 2.99
N MET B 247 25.28 -13.67 3.88
CA MET B 247 24.27 -14.60 4.34
C MET B 247 23.41 -15.23 3.23
N LEU B 248 23.05 -14.44 2.22
CA LEU B 248 22.21 -14.93 1.14
C LEU B 248 23.03 -15.83 0.25
N ASP B 249 24.36 -15.70 0.34
CA ASP B 249 25.27 -16.84 0.19
C ASP B 249 25.59 -16.94 -1.28
N ALA B 250 26.22 -15.88 -1.79
CA ALA B 250 26.65 -15.83 -3.17
C ALA B 250 27.48 -14.58 -3.43
C10 ND1 C . 0.50 19.24 -3.98
C11 ND1 C . 0.89 18.34 -4.93
C1 ND1 C . 0.35 19.31 3.87
N1 ND1 C . 1.13 20.57 3.79
C2 ND1 C . 1.67 21.23 5.00
C3 ND1 C . 1.30 21.11 2.53
O1 ND1 C . 0.86 20.54 1.52
C4 ND1 C . 2.16 22.40 2.36
C5 ND1 C . 1.62 23.38 1.29
C6 ND1 C . 1.47 22.87 -0.19
N2 ND1 C . 0.05 22.58 -0.33
C7 ND1 C . -0.60 22.54 -1.62
C8 ND1 C . -0.46 21.14 -2.25
O2 ND1 C . 0.83 21.26 -2.88
C9 ND1 C . 1.19 20.39 -3.84
N3 ND1 C . 2.35 20.61 -4.56
C13 ND1 C . 2.74 19.66 -5.56
C12 ND1 C . 1.98 18.46 -5.70
C14 ND1 C . 2.28 17.51 -6.74
C15 ND1 C . 3.65 17.01 -6.92
C16 ND1 C . 4.05 16.24 -8.15
C17 ND1 C . 4.45 14.77 -7.88
F2 ND1 C . 3.51 14.14 -7.25
F3 ND1 C . 4.60 14.30 -9.17
F1 ND1 C . 5.55 14.73 -7.19
C18 ND1 C . 4.64 17.15 -5.92
C19 ND1 C . 4.36 16.61 -4.68
C20 ND1 C . 5.32 16.71 -3.67
C21 ND1 C . 6.53 17.32 -3.92
C22 ND1 C . 6.80 17.91 -5.15
C23 ND1 C . 5.83 17.78 -6.15
C24 ND1 C . 1.22 17.28 -7.66
C30 ND1 C . 0.73 15.98 -8.05
C29 ND1 C . -0.35 15.87 -8.89
C28 ND1 C . -1.02 14.80 -9.43
F4 ND1 C . -0.69 13.47 -9.19
N5 ND1 C . -2.01 15.13 -10.21
N4 ND1 C . -1.98 16.51 -10.14
C27 ND1 C . -0.99 16.94 -9.34
C26 ND1 C . -0.59 18.20 -8.99
C25 ND1 C . 0.49 18.36 -8.16
C10 ND1 D . 13.91 -1.10 14.11
C11 ND1 D . 12.64 -1.32 14.45
C1 ND1 D . 19.94 6.69 18.27
N1 ND1 D . 20.51 5.92 17.13
C2 ND1 D . 21.82 6.28 16.53
C3 ND1 D . 19.77 4.86 16.68
O1 ND1 D . 18.69 4.55 17.20
C4 ND1 D . 20.32 3.99 15.47
C5 ND1 D . 19.20 3.29 14.60
C6 ND1 D . 18.76 1.78 14.61
N2 ND1 D . 18.60 1.15 13.29
C7 ND1 D . 18.22 -0.28 13.39
C8 ND1 D . 16.70 -0.53 13.36
O2 ND1 D . 16.06 -0.22 14.61
C9 ND1 D . 14.76 -0.39 14.95
N3 ND1 D . 14.28 0.13 16.13
C13 ND1 D . 12.91 -0.09 16.45
C12 ND1 D . 12.06 -0.78 15.57
C14 ND1 D . 10.75 -1.10 15.91
C15 ND1 D . 9.84 0.03 16.33
C16 ND1 D . 8.54 -0.30 16.93
C17 ND1 D . 7.29 0.20 16.16
F2 ND1 D . 7.33 -0.33 14.98
F3 ND1 D . 6.33 -0.20 16.80
F1 ND1 D . 7.32 1.41 16.05
C18 ND1 D . 10.20 1.35 16.04
C19 ND1 D . 10.34 1.71 14.68
C20 ND1 D . 10.63 3.00 14.30
C21 ND1 D . 10.78 3.99 15.28
C22 ND1 D . 10.63 3.67 16.62
C23 ND1 D . 10.33 2.36 17.01
C24 ND1 D . 10.43 -2.46 16.03
C30 ND1 D . 9.32 -3.05 15.44
C29 ND1 D . 9.06 -4.39 15.54
C28 ND1 D . 8.15 -5.25 15.08
F4 ND1 D . 6.95 -5.02 14.36
N5 ND1 D . 8.37 -6.51 15.47
N4 ND1 D . 9.50 -6.44 16.10
C27 ND1 D . 9.94 -5.20 16.19
C26 ND1 D . 11.03 -4.70 16.76
C25 ND1 D . 11.33 -3.34 16.69
C1 EDO E . 0.92 -10.23 -9.33
O1 EDO E . 1.58 -10.78 -10.38
C2 EDO E . 1.06 -8.72 -9.39
O2 EDO E . 1.40 -8.41 -8.12
#